data_3WHN
#
_entry.id   3WHN
#
_cell.length_a   33.573
_cell.length_b   44.082
_cell.length_c   46.715
_cell.angle_alpha   92.710
_cell.angle_beta   102.590
_cell.angle_gamma   90.020
#
_symmetry.space_group_name_H-M   'P 1'
#
loop_
_entity.id
_entity.type
_entity.pdbx_description
1 polymer 'Hemerythrin-like domain protein DcrH'
2 non-polymer 'CHLORO DIIRON-OXO MOIETY'
3 non-polymer 'CALCIUM ION'
4 water water
#
_entity_poly.entity_id   1
_entity_poly.type   'polypeptide(L)'
_entity_poly.pdbx_seq_one_letter_code
;GDADVLVKWSEDLANLPSIDTQHKRLVDYINDLYRAARRRDMDKAREVFDALKNYAVEHFGYEERLFADYAYPEATRHKE
IHRRFVETVLKWEKQLAAGDPEVVMTTLRGLVDWLVNHHMKEDKKYEAYLRERGVS
;
_entity_poly.pdbx_strand_id   A,B
#
loop_
_chem_comp.id
_chem_comp.type
_chem_comp.name
_chem_comp.formula
CA non-polymer 'CALCIUM ION' 'Ca 2'
CFO non-polymer 'CHLORO DIIRON-OXO MOIETY' 'Cl Fe2 O'
#
# COMPACT_ATOMS: atom_id res chain seq x y z
N ASP A 4 13.93 17.05 -22.99
CA ASP A 4 13.63 15.84 -23.78
C ASP A 4 13.74 14.54 -22.93
N VAL A 5 14.92 14.27 -22.36
CA VAL A 5 15.19 12.98 -21.70
C VAL A 5 15.81 13.21 -20.32
N LEU A 6 15.34 12.50 -19.30
CA LEU A 6 15.89 12.60 -17.95
C LEU A 6 16.91 11.50 -17.68
N VAL A 7 16.66 10.30 -18.22
CA VAL A 7 17.46 9.12 -17.96
C VAL A 7 17.56 8.28 -19.22
N LYS A 8 18.63 7.52 -19.32
CA LYS A 8 18.79 6.70 -20.49
C LYS A 8 19.28 5.34 -20.03
N TRP A 9 18.60 4.30 -20.48
CA TRP A 9 19.07 2.92 -20.32
C TRP A 9 20.41 2.78 -21.03
N SER A 10 21.33 2.03 -20.44
CA SER A 10 22.59 1.81 -21.13
C SER A 10 23.12 0.42 -20.84
N GLU A 11 24.19 0.05 -21.53
CA GLU A 11 24.89 -1.21 -21.34
C GLU A 11 25.19 -1.58 -19.88
N ASP A 12 25.43 -0.58 -19.04
CA ASP A 12 25.67 -0.77 -17.60
C ASP A 12 24.55 -1.60 -16.95
N LEU A 13 23.39 -1.59 -17.60
CA LEU A 13 22.21 -2.23 -17.05
C LEU A 13 21.87 -3.56 -17.73
N ALA A 14 22.68 -3.99 -18.70
CA ALA A 14 22.29 -5.13 -19.56
C ALA A 14 22.01 -6.36 -18.71
N ASN A 15 20.99 -7.11 -19.08
CA ASN A 15 20.56 -8.25 -18.33
C ASN A 15 20.04 -9.24 -19.38
N LEU A 16 19.19 -10.16 -18.96
CA LEU A 16 18.54 -11.06 -19.92
C LEU A 16 17.68 -10.25 -20.92
N PRO A 17 17.51 -10.76 -22.16
CA PRO A 17 16.79 -9.92 -23.15
C PRO A 17 15.33 -9.56 -22.74
N SER A 18 14.58 -10.46 -22.10
CA SER A 18 13.22 -10.14 -21.64
CA SER A 18 13.22 -10.17 -21.62
C SER A 18 13.20 -9.08 -20.54
N ILE A 19 14.15 -9.15 -19.62
CA ILE A 19 14.32 -8.16 -18.58
C ILE A 19 14.75 -6.80 -19.16
N ASP A 20 15.66 -6.83 -20.12
CA ASP A 20 16.06 -5.60 -20.82
C ASP A 20 14.85 -4.82 -21.40
N THR A 21 13.89 -5.52 -22.03
CA THR A 21 12.69 -4.88 -22.62
C THR A 21 11.83 -4.15 -21.59
N GLN A 22 11.74 -4.72 -20.39
CA GLN A 22 10.91 -4.15 -19.33
C GLN A 22 11.64 -3.02 -18.66
N HIS A 23 12.94 -3.19 -18.46
CA HIS A 23 13.73 -2.10 -17.88
C HIS A 23 13.75 -0.88 -18.81
N LYS A 24 13.80 -1.15 -20.11
CA LYS A 24 13.77 -0.10 -21.12
C LYS A 24 12.42 0.63 -21.09
N ARG A 25 11.33 -0.14 -21.01
CA ARG A 25 9.98 0.43 -20.98
C ARG A 25 9.79 1.26 -19.69
N LEU A 26 10.36 0.81 -18.55
CA LEU A 26 10.36 1.65 -17.33
C LEU A 26 11.10 2.97 -17.52
N VAL A 27 12.27 2.89 -18.15
CA VAL A 27 12.99 4.11 -18.51
C VAL A 27 12.10 5.02 -19.36
N ASP A 28 11.42 4.46 -20.38
CA ASP A 28 10.50 5.23 -21.21
C ASP A 28 9.41 5.91 -20.38
N TYR A 29 8.81 5.18 -19.43
CA TYR A 29 7.79 5.80 -18.57
C TYR A 29 8.30 6.97 -17.74
N ILE A 30 9.48 6.81 -17.15
CA ILE A 30 10.12 7.90 -16.41
C ILE A 30 10.23 9.17 -17.30
N ASN A 31 10.73 9.00 -18.53
CA ASN A 31 10.88 10.15 -19.42
C ASN A 31 9.54 10.75 -19.88
N ASP A 32 8.51 9.90 -20.06
CA ASP A 32 7.13 10.37 -20.28
C ASP A 32 6.65 11.24 -19.08
N LEU A 33 6.99 10.82 -17.88
CA LEU A 33 6.57 11.53 -16.69
C LEU A 33 7.29 12.85 -16.60
N TYR A 34 8.59 12.83 -16.91
CA TYR A 34 9.39 14.06 -16.94
C TYR A 34 8.85 15.10 -17.97
N ARG A 35 8.53 14.65 -19.17
CA ARG A 35 8.01 15.51 -20.24
CA ARG A 35 8.06 15.57 -20.19
C ARG A 35 6.70 16.17 -19.80
N ALA A 36 5.81 15.37 -19.20
CA ALA A 36 4.52 15.86 -18.69
C ALA A 36 4.70 16.88 -17.59
N ALA A 37 5.53 16.54 -16.61
CA ALA A 37 5.76 17.44 -15.46
C ALA A 37 6.40 18.76 -15.91
N ARG A 38 7.31 18.66 -16.89
CA ARG A 38 7.94 19.83 -17.53
C ARG A 38 6.97 20.80 -18.17
N ARG A 39 6.00 20.26 -18.90
CA ARG A 39 4.91 21.04 -19.52
C ARG A 39 3.90 21.52 -18.49
N ARG A 40 4.12 21.16 -17.23
CA ARG A 40 3.17 21.35 -16.14
C ARG A 40 1.80 20.82 -16.46
N ASP A 41 1.73 19.73 -17.21
CA ASP A 41 0.48 19.04 -17.43
C ASP A 41 0.30 17.99 -16.32
N MET A 42 -0.30 18.41 -15.20
CA MET A 42 -0.32 17.54 -14.01
C MET A 42 -1.31 16.40 -14.08
N ASP A 43 -2.44 16.61 -14.76
CA ASP A 43 -3.35 15.47 -15.03
C ASP A 43 -2.62 14.36 -15.82
N LYS A 44 -1.86 14.73 -16.84
CA LYS A 44 -1.16 13.73 -17.64
C LYS A 44 -0.03 13.13 -16.81
N ALA A 45 0.63 13.97 -16.02
CA ALA A 45 1.70 13.47 -15.18
C ALA A 45 1.18 12.41 -14.23
N ARG A 46 0.05 12.66 -13.57
CA ARG A 46 -0.53 11.63 -12.69
C ARG A 46 -0.97 10.36 -13.44
N GLU A 47 -1.51 10.54 -14.64
CA GLU A 47 -1.88 9.39 -15.49
C GLU A 47 -0.63 8.56 -15.82
N VAL A 48 0.44 9.23 -16.20
CA VAL A 48 1.67 8.54 -16.55
C VAL A 48 2.17 7.81 -15.28
N PHE A 49 2.11 8.49 -14.12
CA PHE A 49 2.64 7.88 -12.90
C PHE A 49 1.86 6.62 -12.52
N ASP A 50 0.54 6.69 -12.67
CA ASP A 50 -0.30 5.53 -12.46
C ASP A 50 0.14 4.36 -13.36
N ALA A 51 0.30 4.60 -14.67
CA ALA A 51 0.77 3.55 -15.60
C ALA A 51 2.16 3.02 -15.24
N LEU A 52 3.05 3.91 -14.82
CA LEU A 52 4.42 3.52 -14.48
C LEU A 52 4.41 2.62 -13.21
N LYS A 53 3.66 3.03 -12.20
CA LYS A 53 3.45 2.14 -11.05
C LYS A 53 2.94 0.77 -11.44
N ASN A 54 1.87 0.70 -12.24
CA ASN A 54 1.29 -0.59 -12.58
C ASN A 54 2.30 -1.42 -13.38
N TYR A 55 3.01 -0.77 -14.29
CA TYR A 55 4.05 -1.47 -15.04
C TYR A 55 5.20 -1.97 -14.14
N ALA A 56 5.58 -1.16 -13.17
CA ALA A 56 6.66 -1.54 -12.28
C ALA A 56 6.25 -2.77 -11.45
N VAL A 57 5.03 -2.74 -10.90
CA VAL A 57 4.48 -3.88 -10.17
C VAL A 57 4.53 -5.13 -11.04
N GLU A 58 4.13 -5.00 -12.31
CA GLU A 58 4.05 -6.16 -13.20
C GLU A 58 5.45 -6.65 -13.62
N HIS A 59 6.38 -5.73 -13.79
CA HIS A 59 7.77 -6.05 -13.96
C HIS A 59 8.38 -6.75 -12.72
N PHE A 60 8.14 -6.20 -11.55
CA PHE A 60 8.59 -6.88 -10.33
C PHE A 60 8.03 -8.31 -10.24
N GLY A 61 6.76 -8.46 -10.59
CA GLY A 61 6.06 -9.76 -10.55
C GLY A 61 6.59 -10.75 -11.57
N TYR A 62 7.06 -10.23 -12.71
CA TYR A 62 7.72 -11.04 -13.74
C TYR A 62 9.04 -11.61 -13.20
N GLU A 63 9.87 -10.75 -12.61
CA GLU A 63 11.08 -11.23 -11.96
C GLU A 63 10.75 -12.27 -10.87
N GLU A 64 9.72 -12.00 -10.07
CA GLU A 64 9.41 -12.89 -8.92
C GLU A 64 8.96 -14.27 -9.39
N ARG A 65 8.22 -14.28 -10.48
CA ARG A 65 7.82 -15.52 -11.15
C ARG A 65 9.03 -16.29 -11.65
N LEU A 66 10.01 -15.60 -12.21
CA LEU A 66 11.24 -16.27 -12.65
C LEU A 66 11.99 -16.87 -11.42
N PHE A 67 12.11 -16.08 -10.34
CA PHE A 67 12.67 -16.55 -9.05
C PHE A 67 12.03 -17.84 -8.55
N ALA A 68 10.70 -17.85 -8.52
CA ALA A 68 9.94 -19.03 -8.09
C ALA A 68 10.14 -20.22 -9.03
N ASP A 69 9.95 -19.98 -10.31
CA ASP A 69 10.01 -21.03 -11.32
C ASP A 69 11.38 -21.69 -11.27
N TYR A 70 12.41 -20.91 -11.00
CA TYR A 70 13.77 -21.41 -11.10
C TYR A 70 14.45 -21.60 -9.76
N ALA A 71 13.65 -21.56 -8.70
CA ALA A 71 14.12 -21.82 -7.33
C ALA A 71 15.34 -20.94 -6.97
N TYR A 72 15.31 -19.68 -7.38
CA TYR A 72 16.42 -18.72 -7.07
C TYR A 72 16.58 -18.55 -5.56
N PRO A 73 17.80 -18.83 -5.03
CA PRO A 73 18.12 -18.77 -3.59
C PRO A 73 17.80 -17.42 -2.92
N GLU A 74 17.89 -16.32 -3.66
CA GLU A 74 17.66 -14.99 -3.07
C GLU A 74 16.30 -14.37 -3.42
N ALA A 75 15.34 -15.24 -3.73
CA ALA A 75 13.95 -14.81 -4.01
C ALA A 75 13.33 -13.95 -2.92
N THR A 76 13.44 -14.39 -1.67
CA THR A 76 12.87 -13.67 -0.52
C THR A 76 13.41 -12.24 -0.39
N ARG A 77 14.74 -12.07 -0.32
N ARG A 77 14.72 -12.11 -0.36
CA ARG A 77 15.36 -10.73 -0.22
CA ARG A 77 15.39 -10.83 -0.23
C ARG A 77 14.91 -9.85 -1.38
C ARG A 77 15.03 -9.87 -1.36
N HIS A 78 15.02 -10.38 -2.58
CA HIS A 78 14.68 -9.57 -3.76
C HIS A 78 13.20 -9.17 -3.79
N LYS A 79 12.31 -10.09 -3.47
CA LYS A 79 10.90 -9.75 -3.41
C LYS A 79 10.60 -8.71 -2.36
N GLU A 80 11.28 -8.78 -1.22
CA GLU A 80 11.03 -7.75 -0.18
C GLU A 80 11.54 -6.35 -0.61
N ILE A 81 12.61 -6.33 -1.40
CA ILE A 81 13.19 -5.04 -1.86
C ILE A 81 12.18 -4.38 -2.81
N HIS A 82 11.60 -5.20 -3.70
CA HIS A 82 10.49 -4.80 -4.55
C HIS A 82 9.30 -4.27 -3.76
N ARG A 83 8.86 -5.07 -2.79
CA ARG A 83 7.74 -4.70 -1.92
C ARG A 83 7.94 -3.34 -1.25
N ARG A 84 9.13 -3.10 -0.71
CA ARG A 84 9.43 -1.82 -0.04
C ARG A 84 9.44 -0.65 -1.02
N PHE A 85 9.90 -0.89 -2.24
CA PHE A 85 9.82 0.15 -3.23
C PHE A 85 8.39 0.48 -3.70
N VAL A 86 7.53 -0.53 -3.81
CA VAL A 86 6.12 -0.31 -4.21
C VAL A 86 5.47 0.59 -3.19
N GLU A 87 5.74 0.30 -1.91
CA GLU A 87 5.32 1.13 -0.79
C GLU A 87 5.73 2.60 -0.96
N THR A 88 6.99 2.83 -1.31
CA THR A 88 7.45 4.18 -1.69
C THR A 88 6.65 4.81 -2.85
N VAL A 89 6.41 4.06 -3.93
CA VAL A 89 5.68 4.55 -5.11
CA VAL A 89 5.69 4.65 -5.08
C VAL A 89 4.23 4.96 -4.73
N LEU A 90 3.60 4.12 -3.92
CA LEU A 90 2.24 4.37 -3.45
C LEU A 90 2.17 5.67 -2.66
N LYS A 91 3.16 5.92 -1.80
CA LYS A 91 3.29 7.20 -1.09
C LYS A 91 3.47 8.37 -2.05
N TRP A 92 4.34 8.19 -3.03
CA TRP A 92 4.52 9.23 -4.03
C TRP A 92 3.24 9.53 -4.77
N GLU A 93 2.53 8.47 -5.15
CA GLU A 93 1.27 8.60 -5.86
C GLU A 93 0.31 9.50 -5.08
N LYS A 94 0.21 9.27 -3.78
CA LYS A 94 -0.67 10.12 -2.96
C LYS A 94 -0.21 11.58 -2.95
N GLN A 95 1.10 11.78 -2.83
CA GLN A 95 1.70 13.11 -2.73
CA GLN A 95 1.67 13.11 -2.72
C GLN A 95 1.52 13.93 -4.01
N LEU A 96 1.39 13.21 -5.13
CA LEU A 96 1.20 13.83 -6.43
C LEU A 96 -0.19 14.41 -6.65
N ALA A 97 -1.17 13.99 -5.83
CA ALA A 97 -2.53 14.50 -5.96
C ALA A 97 -2.55 16.04 -5.93
N ALA A 98 -1.73 16.66 -5.09
CA ALA A 98 -1.68 18.12 -4.98
C ALA A 98 -0.74 18.79 -5.99
N GLY A 99 -0.04 18.01 -6.82
CA GLY A 99 0.70 18.55 -8.00
C GLY A 99 1.88 19.47 -7.73
N ASP A 100 2.44 19.39 -6.54
CA ASP A 100 3.48 20.29 -6.07
C ASP A 100 4.80 20.01 -6.79
N PRO A 101 5.42 21.07 -7.37
CA PRO A 101 6.74 20.88 -8.02
C PRO A 101 7.73 20.08 -7.18
N GLU A 102 7.76 20.34 -5.86
CA GLU A 102 8.69 19.72 -4.91
C GLU A 102 8.50 18.19 -4.83
N VAL A 103 7.24 17.76 -4.92
CA VAL A 103 6.87 16.36 -4.89
C VAL A 103 7.22 15.71 -6.23
N VAL A 104 6.94 16.40 -7.32
CA VAL A 104 7.31 15.93 -8.65
C VAL A 104 8.80 15.58 -8.68
N MET A 105 9.62 16.44 -8.09
CA MET A 105 11.08 16.29 -8.17
C MET A 105 11.55 15.16 -7.27
N THR A 106 10.99 15.08 -6.07
CA THR A 106 11.28 13.97 -5.17
C THR A 106 11.06 12.64 -5.94
N THR A 107 9.96 12.59 -6.68
CA THR A 107 9.55 11.40 -7.38
CA THR A 107 9.56 11.37 -7.37
C THR A 107 10.51 11.07 -8.51
N LEU A 108 10.73 12.04 -9.40
CA LEU A 108 11.64 11.82 -10.54
C LEU A 108 13.05 11.45 -10.04
N ARG A 109 13.57 12.16 -9.04
CA ARG A 109 14.92 11.85 -8.54
C ARG A 109 14.99 10.49 -7.90
N GLY A 110 13.92 10.10 -7.17
CA GLY A 110 13.83 8.78 -6.55
C GLY A 110 13.77 7.65 -7.57
N LEU A 111 12.92 7.81 -8.58
CA LEU A 111 12.90 6.89 -9.70
C LEU A 111 14.23 6.77 -10.42
N VAL A 112 14.85 7.91 -10.74
CA VAL A 112 16.16 7.86 -11.40
C VAL A 112 17.25 7.28 -10.48
N ASP A 113 17.39 7.85 -9.28
CA ASP A 113 18.49 7.51 -8.36
C ASP A 113 18.35 6.09 -7.82
N TRP A 114 17.14 5.67 -7.49
CA TRP A 114 16.99 4.36 -6.86
C TRP A 114 16.64 3.23 -7.83
N LEU A 115 15.66 3.45 -8.72
CA LEU A 115 15.19 2.38 -9.56
C LEU A 115 16.18 2.06 -10.65
N VAL A 116 16.48 3.04 -11.49
CA VAL A 116 17.40 2.79 -12.61
CA VAL A 116 17.40 2.84 -12.61
C VAL A 116 18.84 2.66 -12.13
N ASN A 117 19.33 3.65 -11.40
CA ASN A 117 20.74 3.72 -11.07
C ASN A 117 21.18 2.78 -9.98
N HIS A 118 20.23 2.28 -9.20
CA HIS A 118 20.58 1.37 -8.14
C HIS A 118 19.96 -0.02 -8.35
N HIS A 119 18.62 -0.08 -8.30
CA HIS A 119 17.98 -1.40 -8.34
C HIS A 119 18.19 -2.18 -9.65
N MET A 120 18.07 -1.53 -10.81
CA MET A 120 18.35 -2.23 -12.09
C MET A 120 19.79 -2.76 -12.19
N LYS A 121 20.72 -2.12 -11.49
CA LYS A 121 22.09 -2.65 -11.41
C LYS A 121 22.18 -3.86 -10.51
N GLU A 122 21.53 -3.78 -9.35
CA GLU A 122 21.34 -4.88 -8.43
C GLU A 122 20.65 -6.10 -9.08
N ASP A 123 19.72 -5.85 -10.02
CA ASP A 123 19.07 -6.93 -10.78
C ASP A 123 20.06 -7.84 -11.50
N LYS A 124 21.19 -7.28 -11.91
CA LYS A 124 22.23 -8.09 -12.61
C LYS A 124 22.73 -9.31 -11.81
N LYS A 125 22.49 -9.28 -10.51
CA LYS A 125 22.89 -10.35 -9.60
C LYS A 125 22.20 -11.67 -9.82
N TYR A 126 20.97 -11.68 -10.33
CA TYR A 126 20.30 -12.92 -10.71
C TYR A 126 20.61 -13.43 -12.13
N GLU A 127 21.27 -12.61 -12.94
CA GLU A 127 21.46 -12.91 -14.37
C GLU A 127 22.15 -14.23 -14.69
N ALA A 128 23.37 -14.42 -14.17
CA ALA A 128 24.12 -15.67 -14.40
C ALA A 128 23.29 -16.90 -14.01
N TYR A 129 22.69 -16.84 -12.82
CA TYR A 129 21.89 -17.94 -12.30
C TYR A 129 20.77 -18.31 -13.27
N LEU A 130 19.98 -17.32 -13.68
CA LEU A 130 18.88 -17.61 -14.59
C LEU A 130 19.32 -18.03 -16.00
N ARG A 131 20.37 -17.37 -16.53
CA ARG A 131 20.91 -17.70 -17.86
C ARG A 131 21.38 -19.17 -17.91
N GLU A 132 22.17 -19.59 -16.92
CA GLU A 132 22.66 -20.99 -16.80
CA GLU A 132 22.66 -20.97 -16.93
C GLU A 132 21.51 -22.00 -16.91
N ARG A 133 20.34 -21.59 -16.46
CA ARG A 133 19.15 -22.46 -16.43
CA ARG A 133 19.15 -22.46 -16.42
C ARG A 133 18.24 -22.23 -17.64
N GLY A 134 18.69 -21.38 -18.55
CA GLY A 134 18.09 -21.33 -19.89
C GLY A 134 17.10 -20.22 -20.11
N VAL A 135 17.04 -19.32 -19.14
CA VAL A 135 16.14 -18.21 -19.18
C VAL A 135 16.68 -17.16 -20.17
N SER A 136 15.77 -16.52 -20.91
CA SER A 136 16.15 -15.39 -21.74
C SER A 136 15.18 -14.22 -21.57
N ASP B 4 -21.27 -6.28 -4.29
CA ASP B 4 -21.08 -4.82 -4.37
C ASP B 4 -20.78 -4.19 -2.99
N VAL B 5 -21.66 -4.29 -2.00
CA VAL B 5 -21.24 -3.83 -0.66
C VAL B 5 -21.45 -4.91 0.40
N LEU B 6 -20.40 -5.13 1.18
CA LEU B 6 -20.39 -6.17 2.18
C LEU B 6 -21.02 -5.66 3.47
N VAL B 7 -20.67 -4.43 3.82
CA VAL B 7 -21.04 -3.86 5.12
C VAL B 7 -21.49 -2.43 4.94
N LYS B 8 -22.51 -2.06 5.70
CA LYS B 8 -23.00 -0.71 5.72
C LYS B 8 -22.88 -0.15 7.13
N TRP B 9 -22.37 1.07 7.24
CA TRP B 9 -22.34 1.76 8.52
C TRP B 9 -23.83 2.09 8.82
N SER B 10 -24.25 2.02 10.08
CA SER B 10 -25.61 2.43 10.46
C SER B 10 -25.65 3.15 11.82
N GLU B 11 -26.83 3.70 12.15
CA GLU B 11 -27.06 4.38 13.44
C GLU B 11 -26.71 3.56 14.65
N ASP B 12 -26.81 2.25 14.52
CA ASP B 12 -26.33 1.31 15.53
C ASP B 12 -24.94 1.68 16.03
N LEU B 13 -24.21 2.42 15.19
CA LEU B 13 -22.81 2.73 15.43
C LEU B 13 -22.56 4.21 15.70
N ALA B 14 -23.64 5.00 15.82
CA ALA B 14 -23.52 6.46 15.91
C ALA B 14 -22.66 6.87 17.09
N ASN B 15 -21.79 7.86 16.88
CA ASN B 15 -20.87 8.32 17.87
C ASN B 15 -20.66 9.81 17.60
N LEU B 16 -19.53 10.36 18.03
CA LEU B 16 -19.24 11.77 17.79
C LEU B 16 -19.15 12.00 16.27
N PRO B 17 -19.50 13.19 15.76
CA PRO B 17 -19.41 13.42 14.30
C PRO B 17 -18.01 13.12 13.70
N SER B 18 -16.93 13.51 14.37
CA SER B 18 -15.56 13.25 13.87
C SER B 18 -15.26 11.76 13.81
N ILE B 19 -15.68 11.04 14.85
CA ILE B 19 -15.54 9.60 14.95
C ILE B 19 -16.37 8.89 13.88
N ASP B 20 -17.62 9.35 13.68
CA ASP B 20 -18.48 8.87 12.58
C ASP B 20 -17.78 8.89 11.19
N THR B 21 -17.09 9.98 10.83
CA THR B 21 -16.35 10.05 9.55
C THR B 21 -15.26 8.98 9.40
N GLN B 22 -14.56 8.68 10.49
CA GLN B 22 -13.50 7.71 10.47
C GLN B 22 -14.05 6.29 10.45
N HIS B 23 -15.07 6.01 11.27
CA HIS B 23 -15.73 4.70 11.22
C HIS B 23 -16.35 4.41 9.83
N LYS B 24 -17.00 5.43 9.24
CA LYS B 24 -17.51 5.35 7.85
C LYS B 24 -16.37 5.08 6.87
N ARG B 25 -15.27 5.83 6.97
CA ARG B 25 -14.14 5.58 6.04
CA ARG B 25 -14.14 5.58 6.04
C ARG B 25 -13.61 4.15 6.19
N LEU B 26 -13.57 3.61 7.42
CA LEU B 26 -13.11 2.20 7.65
C LEU B 26 -14.09 1.17 7.02
N VAL B 27 -15.39 1.44 7.16
CA VAL B 27 -16.40 0.67 6.44
C VAL B 27 -16.15 0.72 4.91
N ASP B 28 -15.89 1.91 4.36
CA ASP B 28 -15.54 2.08 2.94
C ASP B 28 -14.31 1.26 2.55
N TYR B 29 -13.25 1.28 3.39
CA TYR B 29 -12.07 0.42 3.09
C TYR B 29 -12.39 -1.10 3.04
N ILE B 30 -13.14 -1.56 4.03
CA ILE B 30 -13.65 -2.95 4.03
C ILE B 30 -14.37 -3.30 2.70
N ASN B 31 -15.25 -2.41 2.27
CA ASN B 31 -16.00 -2.66 1.02
C ASN B 31 -15.10 -2.64 -0.22
N ASP B 32 -14.10 -1.75 -0.23
CA ASP B 32 -13.06 -1.77 -1.29
C ASP B 32 -12.35 -3.12 -1.30
N LEU B 33 -12.06 -3.65 -0.11
CA LEU B 33 -11.31 -4.89 0.03
C LEU B 33 -12.17 -6.07 -0.49
N TYR B 34 -13.46 -6.03 -0.14
CA TYR B 34 -14.45 -7.01 -0.64
C TYR B 34 -14.48 -7.03 -2.18
N ARG B 35 -14.50 -5.84 -2.76
CA ARG B 35 -14.60 -5.73 -4.20
C ARG B 35 -13.30 -6.17 -4.92
N ALA B 36 -12.14 -5.85 -4.35
CA ALA B 36 -10.88 -6.39 -4.88
C ALA B 36 -10.93 -7.91 -4.88
N ALA B 37 -11.35 -8.50 -3.77
CA ALA B 37 -11.56 -9.97 -3.67
C ALA B 37 -12.58 -10.49 -4.70
N ARG B 38 -13.73 -9.82 -4.79
CA ARG B 38 -14.72 -10.11 -5.84
C ARG B 38 -14.15 -10.13 -7.26
N ARG B 39 -13.25 -9.20 -7.57
CA ARG B 39 -12.58 -9.13 -8.87
C ARG B 39 -11.43 -10.09 -9.01
N ARG B 40 -11.06 -10.73 -7.88
CA ARG B 40 -9.97 -11.70 -7.81
C ARG B 40 -8.63 -11.03 -8.12
N ASP B 41 -8.50 -9.78 -7.68
CA ASP B 41 -7.30 -8.98 -7.89
C ASP B 41 -6.49 -8.90 -6.59
N MET B 42 -5.58 -9.85 -6.40
CA MET B 42 -4.83 -9.93 -5.15
C MET B 42 -3.84 -8.79 -4.92
N ASP B 43 -3.19 -8.28 -5.98
CA ASP B 43 -2.28 -7.14 -5.80
C ASP B 43 -3.07 -5.93 -5.26
N LYS B 44 -4.26 -5.72 -5.80
CA LYS B 44 -5.16 -4.69 -5.31
C LYS B 44 -5.63 -4.95 -3.88
N ALA B 45 -6.04 -6.19 -3.61
CA ALA B 45 -6.51 -6.56 -2.29
C ALA B 45 -5.42 -6.28 -1.27
N ARG B 46 -4.20 -6.65 -1.58
CA ARG B 46 -3.09 -6.41 -0.66
C ARG B 46 -2.83 -4.91 -0.46
N GLU B 47 -2.88 -4.15 -1.55
CA GLU B 47 -2.77 -2.69 -1.48
C GLU B 47 -3.87 -2.09 -0.63
N VAL B 48 -5.11 -2.57 -0.79
CA VAL B 48 -6.22 -2.01 -0.05
C VAL B 48 -6.02 -2.37 1.44
N PHE B 49 -5.67 -3.64 1.71
CA PHE B 49 -5.50 -4.08 3.09
C PHE B 49 -4.46 -3.23 3.78
N ASP B 50 -3.34 -3.01 3.12
CA ASP B 50 -2.31 -2.15 3.69
C ASP B 50 -2.88 -0.76 4.05
N ALA B 51 -3.61 -0.13 3.13
CA ALA B 51 -4.21 1.20 3.39
C ALA B 51 -5.21 1.17 4.57
N LEU B 52 -6.01 0.10 4.64
CA LEU B 52 -6.97 -0.11 5.71
C LEU B 52 -6.26 -0.22 7.06
N LYS B 53 -5.21 -1.04 7.10
CA LYS B 53 -4.40 -1.19 8.29
C LYS B 53 -3.90 0.16 8.77
N ASN B 54 -3.33 0.94 7.84
CA ASN B 54 -2.75 2.21 8.24
C ASN B 54 -3.83 3.19 8.68
N TYR B 55 -4.98 3.14 8.03
CA TYR B 55 -6.07 4.06 8.41
C TYR B 55 -6.65 3.71 9.80
N ALA B 56 -6.72 2.40 10.06
CA ALA B 56 -7.17 1.91 11.38
C ALA B 56 -6.22 2.42 12.45
N VAL B 57 -4.91 2.27 12.20
CA VAL B 57 -3.86 2.68 13.16
C VAL B 57 -4.06 4.17 13.48
N GLU B 58 -4.32 4.95 12.44
CA GLU B 58 -4.46 6.37 12.60
C GLU B 58 -5.77 6.78 13.24
N HIS B 59 -6.84 6.04 12.96
CA HIS B 59 -8.11 6.16 13.69
C HIS B 59 -8.01 5.78 15.20
N PHE B 60 -7.39 4.65 15.51
CA PHE B 60 -7.13 4.25 16.91
C PHE B 60 -6.35 5.33 17.67
N GLY B 61 -5.34 5.87 16.98
CA GLY B 61 -4.48 6.98 17.45
C GLY B 61 -5.24 8.27 17.72
N TYR B 62 -6.21 8.59 16.86
CA TYR B 62 -7.07 9.75 16.99
C TYR B 62 -7.92 9.57 18.27
N GLU B 63 -8.51 8.38 18.44
CA GLU B 63 -9.24 8.10 19.66
C GLU B 63 -8.33 8.22 20.88
N GLU B 64 -7.11 7.69 20.77
CA GLU B 64 -6.18 7.70 21.92
C GLU B 64 -5.78 9.12 22.34
N ARG B 65 -5.59 9.98 21.34
CA ARG B 65 -5.29 11.40 21.56
CA ARG B 65 -5.28 11.41 21.54
C ARG B 65 -6.46 12.09 22.23
N LEU B 66 -7.69 11.69 21.89
CA LEU B 66 -8.88 12.25 22.57
C LEU B 66 -8.91 11.76 24.05
N PHE B 67 -8.59 10.48 24.27
CA PHE B 67 -8.50 9.91 25.65
C PHE B 67 -7.48 10.64 26.50
N ALA B 68 -6.31 10.89 25.92
CA ALA B 68 -5.24 11.64 26.63
C ALA B 68 -5.63 13.09 26.92
N ASP B 69 -6.03 13.79 25.87
CA ASP B 69 -6.40 15.22 25.94
C ASP B 69 -7.46 15.48 27.03
N TYR B 70 -8.35 14.52 27.18
CA TYR B 70 -9.56 14.71 27.98
C TYR B 70 -9.53 13.82 29.20
N ALA B 71 -8.35 13.26 29.46
CA ALA B 71 -8.13 12.51 30.70
C ALA B 71 -9.20 11.40 30.87
N TYR B 72 -9.55 10.73 29.78
CA TYR B 72 -10.53 9.61 29.82
C TYR B 72 -10.11 8.45 30.75
N PRO B 73 -10.93 8.16 31.80
CA PRO B 73 -10.51 7.16 32.81
C PRO B 73 -10.27 5.76 32.29
N GLU B 74 -10.83 5.39 31.14
CA GLU B 74 -10.59 4.07 30.56
C GLU B 74 -9.69 4.07 29.32
N ALA B 75 -8.79 5.05 29.26
CA ALA B 75 -7.78 5.15 28.18
C ALA B 75 -6.91 3.91 28.08
N THR B 76 -6.43 3.43 29.23
CA THR B 76 -5.57 2.25 29.31
CA THR B 76 -5.55 2.26 29.26
C THR B 76 -6.20 1.01 28.67
N ARG B 77 -7.40 0.63 29.16
CA ARG B 77 -8.09 -0.57 28.61
CA ARG B 77 -8.12 -0.53 28.63
C ARG B 77 -8.31 -0.40 27.12
N HIS B 78 -8.81 0.75 26.71
CA HIS B 78 -9.19 0.95 25.30
C HIS B 78 -7.96 0.91 24.40
N LYS B 79 -6.90 1.58 24.81
CA LYS B 79 -5.64 1.55 24.08
C LYS B 79 -5.06 0.15 23.89
N GLU B 80 -5.13 -0.69 24.92
CA GLU B 80 -4.60 -2.05 24.85
C GLU B 80 -5.42 -2.93 23.89
N ILE B 81 -6.73 -2.70 23.87
CA ILE B 81 -7.66 -3.39 22.96
C ILE B 81 -7.32 -3.05 21.51
N HIS B 82 -7.13 -1.76 21.26
CA HIS B 82 -6.63 -1.30 19.96
C HIS B 82 -5.32 -2.02 19.60
N ARG B 83 -4.39 -2.03 20.56
CA ARG B 83 -3.06 -2.60 20.35
C ARG B 83 -3.13 -4.08 19.94
N ARG B 84 -3.93 -4.84 20.65
CA ARG B 84 -4.15 -6.25 20.33
C ARG B 84 -4.79 -6.46 18.94
N PHE B 85 -5.72 -5.59 18.57
CA PHE B 85 -6.32 -5.75 17.25
C PHE B 85 -5.33 -5.41 16.10
N VAL B 86 -4.51 -4.37 16.27
CA VAL B 86 -3.40 -4.11 15.33
C VAL B 86 -2.51 -5.36 15.16
N GLU B 87 -2.15 -6.01 16.28
CA GLU B 87 -1.41 -7.30 16.22
C GLU B 87 -2.15 -8.32 15.34
N THR B 88 -3.44 -8.47 15.56
CA THR B 88 -4.26 -9.34 14.68
C THR B 88 -4.18 -8.91 13.20
N VAL B 89 -4.42 -7.65 12.92
CA VAL B 89 -4.33 -7.14 11.55
C VAL B 89 -2.97 -7.43 10.86
N LEU B 90 -1.89 -7.25 11.61
CA LEU B 90 -0.55 -7.49 11.06
C LEU B 90 -0.35 -8.96 10.73
N LYS B 91 -0.96 -9.85 11.51
CA LYS B 91 -0.92 -11.30 11.20
C LYS B 91 -1.74 -11.63 9.97
N TRP B 92 -2.93 -11.02 9.90
CA TRP B 92 -3.77 -11.17 8.74
C TRP B 92 -3.02 -10.74 7.51
N GLU B 93 -2.25 -9.67 7.64
CA GLU B 93 -1.55 -9.09 6.51
C GLU B 93 -0.50 -10.04 5.95
N LYS B 94 0.28 -10.66 6.85
CA LYS B 94 1.24 -11.70 6.48
CA LYS B 94 1.25 -11.66 6.44
C LYS B 94 0.60 -12.82 5.70
N GLN B 95 -0.59 -13.25 6.14
CA GLN B 95 -1.36 -14.32 5.51
CA GLN B 95 -1.31 -14.34 5.50
C GLN B 95 -1.78 -13.98 4.07
N LEU B 96 -1.95 -12.69 3.78
CA LEU B 96 -2.39 -12.25 2.46
C LEU B 96 -1.29 -12.33 1.41
N ALA B 97 -0.02 -12.34 1.83
CA ALA B 97 1.07 -12.53 0.87
C ALA B 97 0.79 -13.75 -0.02
N ALA B 98 0.42 -14.88 0.57
CA ALA B 98 0.17 -16.11 -0.22
C ALA B 98 -1.27 -16.34 -0.62
N GLY B 99 -2.21 -15.66 0.03
CA GLY B 99 -3.61 -16.09 -0.02
C GLY B 99 -4.25 -15.76 -1.34
N ASP B 100 -5.40 -16.37 -1.58
CA ASP B 100 -6.20 -16.14 -2.79
C ASP B 100 -7.41 -15.28 -2.41
N PRO B 101 -8.33 -15.03 -3.36
CA PRO B 101 -9.51 -14.22 -2.97
C PRO B 101 -10.34 -14.86 -1.84
N GLU B 102 -10.30 -16.18 -1.71
CA GLU B 102 -11.02 -16.87 -0.61
C GLU B 102 -10.45 -16.54 0.77
N VAL B 103 -9.14 -16.35 0.86
CA VAL B 103 -8.50 -15.94 2.11
C VAL B 103 -8.87 -14.50 2.46
N VAL B 104 -9.01 -13.66 1.45
CA VAL B 104 -9.49 -12.29 1.63
C VAL B 104 -10.88 -12.32 2.27
N MET B 105 -11.79 -13.13 1.73
CA MET B 105 -13.12 -13.29 2.32
C MET B 105 -13.11 -13.68 3.80
N THR B 106 -12.28 -14.67 4.16
CA THR B 106 -12.20 -15.12 5.55
C THR B 106 -11.71 -13.99 6.44
N THR B 107 -10.71 -13.25 5.96
CA THR B 107 -10.16 -12.07 6.63
C THR B 107 -11.21 -10.99 6.83
N LEU B 108 -11.97 -10.75 5.77
CA LEU B 108 -13.07 -9.82 5.78
C LEU B 108 -14.09 -10.16 6.89
N ARG B 109 -14.38 -11.45 7.07
CA ARG B 109 -15.35 -11.87 8.09
C ARG B 109 -14.85 -11.50 9.50
N GLY B 110 -13.54 -11.61 9.72
CA GLY B 110 -12.91 -11.14 10.96
C GLY B 110 -12.92 -9.63 11.14
N LEU B 111 -12.66 -8.87 10.07
CA LEU B 111 -12.76 -7.42 10.12
C LEU B 111 -14.19 -7.00 10.44
N VAL B 112 -15.17 -7.56 9.73
CA VAL B 112 -16.57 -7.22 9.98
C VAL B 112 -17.03 -7.61 11.39
N ASP B 113 -16.79 -8.86 11.78
CA ASP B 113 -17.28 -9.35 13.07
C ASP B 113 -16.67 -8.61 14.26
N TRP B 114 -15.38 -8.32 14.18
CA TRP B 114 -14.72 -7.75 15.32
C TRP B 114 -14.79 -6.24 15.25
N LEU B 115 -14.40 -5.68 14.10
CA LEU B 115 -14.24 -4.25 14.04
C LEU B 115 -15.55 -3.52 13.95
N VAL B 116 -16.38 -3.84 12.95
CA VAL B 116 -17.64 -3.11 12.80
CA VAL B 116 -17.65 -3.14 12.78
C VAL B 116 -18.67 -3.57 13.83
N ASN B 117 -18.87 -4.87 13.95
CA ASN B 117 -19.96 -5.41 14.73
C ASN B 117 -19.67 -5.52 16.22
N HIS B 118 -18.43 -5.31 16.59
CA HIS B 118 -18.13 -5.37 17.97
C HIS B 118 -17.46 -4.11 18.46
N HIS B 119 -16.24 -3.86 17.98
CA HIS B 119 -15.48 -2.75 18.53
C HIS B 119 -16.12 -1.38 18.30
N MET B 120 -16.65 -1.11 17.10
CA MET B 120 -17.34 0.18 16.88
C MET B 120 -18.53 0.40 17.83
N LYS B 121 -19.18 -0.68 18.26
CA LYS B 121 -20.26 -0.53 19.27
C LYS B 121 -19.70 -0.24 20.68
N GLU B 122 -18.58 -0.88 21.00
CA GLU B 122 -17.85 -0.67 22.26
C GLU B 122 -17.31 0.76 22.38
N ASP B 123 -16.92 1.34 21.23
CA ASP B 123 -16.52 2.74 21.11
C ASP B 123 -17.59 3.70 21.63
N LYS B 124 -18.85 3.29 21.50
CA LYS B 124 -19.95 4.11 22.02
C LYS B 124 -19.82 4.40 23.52
N LYS B 125 -19.12 3.53 24.24
CA LYS B 125 -18.85 3.73 25.67
C LYS B 125 -18.15 5.03 26.06
N TYR B 126 -17.28 5.55 25.21
CA TYR B 126 -16.64 6.86 25.51
C TYR B 126 -17.45 8.08 25.10
N GLU B 127 -18.52 7.85 24.35
CA GLU B 127 -19.21 8.96 23.69
C GLU B 127 -19.75 10.03 24.64
N ALA B 128 -20.49 9.62 25.66
CA ALA B 128 -21.10 10.59 26.58
C ALA B 128 -20.03 11.41 27.33
N TYR B 129 -18.99 10.73 27.83
CA TYR B 129 -17.83 11.39 28.48
C TYR B 129 -17.20 12.49 27.62
N LEU B 130 -16.92 12.17 26.35
CA LEU B 130 -16.33 13.19 25.47
C LEU B 130 -17.31 14.30 25.04
N ARG B 131 -18.59 13.96 24.84
CA ARG B 131 -19.61 14.96 24.46
C ARG B 131 -19.75 16.01 25.56
N GLU B 132 -19.80 15.56 26.82
CA GLU B 132 -19.99 16.50 27.92
CA GLU B 132 -19.94 16.46 27.98
C GLU B 132 -18.82 17.46 28.04
N ARG B 133 -17.65 17.04 27.55
CA ARG B 133 -16.47 17.92 27.54
C ARG B 133 -16.30 18.76 26.28
N GLY B 134 -17.29 18.71 25.39
CA GLY B 134 -17.32 19.59 24.20
C GLY B 134 -16.62 19.05 22.96
N VAL B 135 -16.23 17.77 22.98
CA VAL B 135 -15.61 17.15 21.81
C VAL B 135 -16.67 16.94 20.74
N SER B 136 -16.29 17.09 19.47
CA SER B 136 -17.18 16.79 18.35
C SER B 136 -16.52 15.89 17.31
CL CFO C . 13.73 -2.52 -12.12
FE2 CFO C . 14.04 -4.88 -12.32
O CFO C . 13.31 -5.06 -10.57
FE1 CFO C . 14.19 -6.35 -9.43
CA CA D . 0.57 23.58 -3.20
CL CFO E . -13.15 1.27 15.05
FE2 CFO E . -13.11 3.07 16.66
O CFO E . -11.59 2.38 17.58
FE1 CFO E . -11.77 2.28 19.47
CA CA F . -23.73 11.62 16.89
#